data_4TXQ
#
_entry.id   4TXQ
#
_cell.length_a   52.936
_cell.length_b   55.536
_cell.length_c   195.359
_cell.angle_alpha   90.00
_cell.angle_beta   90.00
_cell.angle_gamma   90.00
#
_symmetry.space_group_name_H-M   'P 21 21 21'
#
loop_
_entity.id
_entity.type
_entity.pdbx_description
1 polymer 'Vacuolar protein sorting-associated protein VTA1 homolog'
2 polymer 'Charged multivesicular body protein 1b'
3 water water
#
loop_
_entity_poly.entity_id
_entity_poly.type
_entity_poly.pdbx_seq_one_letter_code
_entity_poly.pdbx_strand_id
1 'polypeptide(L)'
;SMAALAPLPPLPAQFKSIQHHLRTAQEHDKRDPVVAYYCRLYAMQTGMKIDSKTPECRKFLSKLMDQLEALKKQLGDNEA
ITQEIVGCAHLENYALKMFLYADNEDRAGRFHKNMIKSFYTASLLIDVITVFGELTDENVKHRKYARWKATYIHNCLKNG
ETP
;
A,B
2 'polypeptide(L)' SVGTSVASAEQDELSQRLARLRDQV C,D
#
# COMPACT_ATOMS: atom_id res chain seq x y z
N MET A 2 0.04 19.44 -33.04
CA MET A 2 0.22 19.63 -31.62
C MET A 2 1.66 19.31 -31.21
N ALA A 3 2.29 20.22 -30.46
CA ALA A 3 3.68 20.03 -30.05
C ALA A 3 3.86 18.81 -29.14
N ALA A 4 5.01 18.14 -29.26
CA ALA A 4 5.41 17.18 -28.25
C ALA A 4 5.41 17.90 -26.90
N LEU A 5 4.87 17.24 -25.88
CA LEU A 5 4.75 17.81 -24.54
C LEU A 5 4.05 19.18 -24.49
N ALA A 6 3.06 19.39 -25.37
CA ALA A 6 2.26 20.62 -25.30
C ALA A 6 1.61 20.72 -23.91
N PRO A 7 1.92 21.80 -23.17
CA PRO A 7 1.50 21.92 -21.77
C PRO A 7 0.03 22.28 -21.57
N LEU A 8 -0.60 21.61 -20.62
CA LEU A 8 -1.90 22.02 -20.10
C LEU A 8 -1.65 22.96 -18.93
N PRO A 9 -2.67 23.71 -18.49
CA PRO A 9 -2.46 24.45 -17.24
C PRO A 9 -2.21 23.50 -16.07
N PRO A 10 -1.79 24.01 -14.90
CA PRO A 10 -1.53 23.09 -13.79
C PRO A 10 -2.73 22.18 -13.51
N LEU A 11 -2.46 20.95 -13.09
CA LEU A 11 -3.52 19.99 -12.84
C LEU A 11 -4.20 20.32 -11.52
N PRO A 12 -5.52 20.61 -11.57
CA PRO A 12 -6.29 20.80 -10.33
C PRO A 12 -6.08 19.65 -9.34
N ALA A 13 -5.98 19.96 -8.04
CA ALA A 13 -5.73 18.97 -7.00
C ALA A 13 -6.78 17.86 -7.02
N GLN A 14 -8.00 18.28 -7.25
CA GLN A 14 -9.14 17.41 -7.44
C GLN A 14 -9.07 16.44 -8.64
N PHE A 15 -8.19 16.72 -9.60
CA PHE A 15 -7.97 15.79 -10.70
C PHE A 15 -6.71 14.94 -10.51
N LYS A 16 -6.20 14.87 -9.28
CA LYS A 16 -4.96 14.13 -9.04
C LYS A 16 -5.06 12.67 -9.53
N SER A 17 -6.26 12.10 -9.51
CA SER A 17 -6.41 10.70 -9.92
C SER A 17 -6.26 10.44 -11.43
N ILE A 18 -6.24 11.46 -12.26
CA ILE A 18 -5.99 11.22 -13.69
C ILE A 18 -4.60 11.66 -14.14
N GLN A 19 -3.77 12.07 -13.18
CA GLN A 19 -2.42 12.54 -13.49
C GLN A 19 -1.61 11.55 -14.34
N HIS A 20 -1.62 10.28 -13.97
CA HIS A 20 -0.80 9.31 -14.68
C HIS A 20 -1.39 8.87 -16.01
N HIS A 21 -2.70 9.06 -16.18
CA HIS A 21 -3.33 8.75 -17.47
C HIS A 21 -2.90 9.84 -18.45
N LEU A 22 -2.81 11.07 -17.96
CA LEU A 22 -2.34 12.18 -18.79
C LEU A 22 -0.87 12.03 -19.15
N ARG A 23 -0.07 11.58 -18.18
CA ARG A 23 1.34 11.35 -18.45
C ARG A 23 1.50 10.26 -19.52
N THR A 24 0.70 9.21 -19.42
CA THR A 24 0.76 8.11 -20.37
C THR A 24 0.41 8.60 -21.76
N ALA A 25 -0.56 9.51 -21.84
CA ALA A 25 -0.96 10.12 -23.10
C ALA A 25 0.24 10.83 -23.73
N GLN A 26 0.86 11.74 -22.97
CA GLN A 26 2.04 12.47 -23.46
C GLN A 26 3.17 11.56 -23.88
N GLU A 27 3.41 10.50 -23.12
CA GLU A 27 4.48 9.58 -23.49
C GLU A 27 4.16 8.81 -24.77
N HIS A 28 2.89 8.72 -25.17
CA HIS A 28 2.54 8.04 -26.42
C HIS A 28 2.21 8.97 -27.58
N ASP A 29 2.30 10.29 -27.39
CA ASP A 29 1.92 11.25 -28.43
C ASP A 29 2.55 11.05 -29.81
N LYS A 30 3.77 10.51 -29.89
CA LYS A 30 4.33 10.19 -31.20
C LYS A 30 4.27 8.70 -31.45
N ARG A 31 4.60 7.91 -30.43
CA ARG A 31 4.66 6.46 -30.60
C ARG A 31 3.30 5.88 -31.00
N ASP A 32 2.23 6.33 -30.35
CA ASP A 32 0.91 5.76 -30.61
C ASP A 32 -0.18 6.77 -30.24
N PRO A 33 -0.47 7.67 -31.18
CA PRO A 33 -1.49 8.71 -31.04
C PRO A 33 -2.89 8.18 -30.70
N VAL A 34 -3.19 6.94 -31.06
CA VAL A 34 -4.48 6.34 -30.71
C VAL A 34 -4.57 6.13 -29.19
N VAL A 35 -3.52 5.57 -28.61
CA VAL A 35 -3.45 5.42 -27.16
C VAL A 35 -3.44 6.79 -26.49
N ALA A 36 -2.72 7.74 -27.08
CA ALA A 36 -2.63 9.08 -26.49
C ALA A 36 -3.99 9.75 -26.50
N TYR A 37 -4.72 9.54 -27.58
CA TYR A 37 -6.06 10.09 -27.71
C TYR A 37 -7.02 9.51 -26.67
N TYR A 38 -7.11 8.20 -26.55
CA TYR A 38 -8.05 7.62 -25.61
C TYR A 38 -7.66 7.86 -24.16
N CYS A 39 -6.36 7.97 -23.88
CA CYS A 39 -5.91 8.33 -22.54
C CYS A 39 -6.42 9.70 -22.16
N ARG A 40 -6.28 10.68 -23.07
CA ARG A 40 -6.88 11.99 -22.85
C ARG A 40 -8.41 11.96 -22.75
N LEU A 41 -9.06 11.10 -23.55
CA LEU A 41 -10.52 11.01 -23.53
C LEU A 41 -10.99 10.52 -22.15
N TYR A 42 -10.34 9.46 -21.65
CA TYR A 42 -10.62 9.00 -20.29
C TYR A 42 -10.44 10.10 -19.25
N ALA A 43 -9.39 10.89 -19.38
CA ALA A 43 -9.09 11.94 -18.41
C ALA A 43 -10.13 13.06 -18.48
N MET A 44 -10.50 13.43 -19.70
CA MET A 44 -11.57 14.40 -19.91
C MET A 44 -12.85 13.94 -19.22
N GLN A 45 -13.24 12.71 -19.54
CA GLN A 45 -14.52 12.17 -19.14
C GLN A 45 -14.55 11.94 -17.62
N THR A 46 -13.42 11.55 -17.05
CA THR A 46 -13.32 11.40 -15.61
C THR A 46 -13.35 12.77 -14.93
N GLY A 47 -12.69 13.76 -15.54
CA GLY A 47 -12.61 15.09 -14.97
C GLY A 47 -13.98 15.76 -14.89
N MET A 48 -14.77 15.60 -15.94
CA MET A 48 -16.13 16.13 -16.00
C MET A 48 -17.00 15.61 -14.85
N LYS A 49 -17.00 14.30 -14.65
CA LYS A 49 -17.74 13.67 -13.57
C LYS A 49 -17.32 14.14 -12.18
N ILE A 50 -16.04 14.38 -12.00
CA ILE A 50 -15.52 14.80 -10.69
C ILE A 50 -15.92 16.23 -10.33
N ASP A 51 -15.64 17.16 -11.23
CA ASP A 51 -15.91 18.57 -11.00
C ASP A 51 -15.83 19.35 -12.31
N SER A 52 -16.99 19.67 -12.86
CA SER A 52 -17.06 20.43 -14.10
C SER A 52 -17.67 21.82 -13.91
N LYS A 53 -17.58 22.37 -12.69
CA LYS A 53 -18.17 23.69 -12.45
C LYS A 53 -17.23 24.68 -11.75
N THR A 54 -16.38 24.20 -10.84
CA THR A 54 -15.26 25.02 -10.36
C THR A 54 -14.47 25.56 -11.56
N PRO A 55 -14.19 26.87 -11.55
CA PRO A 55 -13.56 27.56 -12.70
C PRO A 55 -12.20 27.00 -13.14
N GLU A 56 -11.26 26.82 -12.22
CA GLU A 56 -9.97 26.24 -12.55
C GLU A 56 -10.15 24.97 -13.37
N CYS A 57 -11.02 24.09 -12.88
CA CYS A 57 -11.29 22.82 -13.52
C CYS A 57 -11.86 22.99 -14.91
N ARG A 58 -12.81 23.91 -15.07
CA ARG A 58 -13.41 24.15 -16.38
C ARG A 58 -12.38 24.68 -17.35
N LYS A 59 -11.42 25.46 -16.85
CA LYS A 59 -10.33 25.95 -17.70
C LYS A 59 -9.46 24.78 -18.17
N PHE A 60 -9.04 23.96 -17.21
CA PHE A 60 -8.22 22.79 -17.49
C PHE A 60 -8.93 21.91 -18.51
N LEU A 61 -10.17 21.54 -18.21
CA LEU A 61 -10.95 20.69 -19.10
C LEU A 61 -11.05 21.25 -20.51
N SER A 62 -11.16 22.58 -20.65
CA SER A 62 -11.31 23.22 -21.96
C SER A 62 -10.03 23.07 -22.78
N LYS A 63 -8.89 23.26 -22.11
CA LYS A 63 -7.60 23.10 -22.74
C LYS A 63 -7.34 21.64 -23.14
N LEU A 64 -7.82 20.71 -22.31
CA LEU A 64 -7.68 19.29 -22.60
C LEU A 64 -8.53 18.93 -23.82
N MET A 65 -9.77 19.42 -23.87
CA MET A 65 -10.59 19.22 -25.06
C MET A 65 -9.92 19.81 -26.32
N ASP A 66 -9.15 20.89 -26.16
CA ASP A 66 -8.41 21.47 -27.30
C ASP A 66 -7.43 20.47 -27.87
N GLN A 67 -6.76 19.74 -26.99
CA GLN A 67 -5.80 18.75 -27.43
C GLN A 67 -6.51 17.52 -28.02
N LEU A 68 -7.67 17.18 -27.47
CA LEU A 68 -8.46 16.07 -28.01
C LEU A 68 -8.91 16.38 -29.42
N GLU A 69 -9.51 17.55 -29.59
CA GLU A 69 -9.98 18.00 -30.91
C GLU A 69 -8.84 18.11 -31.91
N ALA A 70 -7.70 18.62 -31.45
CA ALA A 70 -6.52 18.70 -32.29
C ALA A 70 -6.09 17.31 -32.76
N LEU A 71 -6.15 16.36 -31.84
CA LEU A 71 -5.64 15.03 -32.10
C LEU A 71 -6.64 14.21 -32.93
N LYS A 72 -7.93 14.44 -32.72
CA LYS A 72 -8.94 13.83 -33.58
C LYS A 72 -8.74 14.28 -35.02
N LYS A 73 -8.45 15.56 -35.19
CA LYS A 73 -8.13 16.12 -36.50
C LYS A 73 -6.94 15.39 -37.11
N GLN A 74 -5.83 15.33 -36.37
CA GLN A 74 -4.64 14.61 -36.81
C GLN A 74 -4.89 13.15 -37.20
N LEU A 75 -5.77 12.47 -36.46
CA LEU A 75 -6.01 11.05 -36.70
C LEU A 75 -6.93 10.78 -37.89
N GLY A 76 -7.84 11.70 -38.17
CA GLY A 76 -8.72 11.58 -39.33
C GLY A 76 -9.49 10.28 -39.38
N ASP A 77 -9.42 9.59 -40.51
CA ASP A 77 -10.20 8.39 -40.78
C ASP A 77 -9.56 7.10 -40.24
N ASN A 78 -8.70 7.25 -39.24
CA ASN A 78 -8.13 6.11 -38.54
C ASN A 78 -9.28 5.27 -37.94
N GLU A 79 -9.31 4.00 -38.28
CA GLU A 79 -10.42 3.13 -37.92
C GLU A 79 -10.57 2.97 -36.39
N ALA A 80 -9.46 3.02 -35.66
CA ALA A 80 -9.44 2.86 -34.20
C ALA A 80 -10.17 4.01 -33.53
N ILE A 81 -10.39 5.09 -34.28
CA ILE A 81 -11.11 6.24 -33.76
C ILE A 81 -12.56 6.24 -34.25
N THR A 82 -12.76 5.96 -35.53
CA THR A 82 -14.11 5.96 -36.10
C THR A 82 -14.96 4.79 -35.58
N GLN A 83 -14.30 3.65 -35.35
CA GLN A 83 -14.93 2.46 -34.77
C GLN A 83 -14.47 2.20 -33.32
N GLU A 84 -15.33 2.44 -32.34
CA GLU A 84 -14.93 2.30 -30.93
C GLU A 84 -14.33 0.93 -30.65
N ILE A 85 -14.94 -0.12 -31.17
CA ILE A 85 -14.53 -1.46 -30.80
C ILE A 85 -13.12 -1.74 -31.32
N VAL A 86 -12.75 -1.15 -32.45
CA VAL A 86 -11.38 -1.27 -32.96
C VAL A 86 -10.40 -0.54 -32.02
N GLY A 87 -10.78 0.65 -31.56
CA GLY A 87 -10.01 1.34 -30.54
C GLY A 87 -9.91 0.51 -29.28
N CYS A 88 -11.00 -0.16 -28.91
CA CYS A 88 -11.00 -0.97 -27.70
C CYS A 88 -10.04 -2.12 -27.84
N ALA A 89 -10.12 -2.84 -28.95
CA ALA A 89 -9.21 -3.94 -29.19
C ALA A 89 -7.73 -3.48 -29.19
N HIS A 90 -7.48 -2.31 -29.78
CA HIS A 90 -6.13 -1.74 -29.84
C HIS A 90 -5.56 -1.55 -28.41
N LEU A 91 -6.34 -0.90 -27.55
CA LEU A 91 -5.88 -0.65 -26.18
C LEU A 91 -5.77 -1.92 -25.38
N GLU A 92 -6.79 -2.75 -25.49
CA GLU A 92 -6.80 -4.05 -24.83
C GLU A 92 -5.62 -4.93 -25.20
N ASN A 93 -5.32 -5.07 -26.49
CA ASN A 93 -4.16 -5.86 -26.92
C ASN A 93 -2.84 -5.28 -26.39
N TYR A 94 -2.75 -3.96 -26.35
CA TYR A 94 -1.55 -3.30 -25.86
C TYR A 94 -1.42 -3.47 -24.33
N ALA A 95 -2.51 -3.29 -23.59
CA ALA A 95 -2.51 -3.57 -22.14
C ALA A 95 -2.05 -5.00 -21.85
N LEU A 96 -2.56 -5.96 -22.61
CA LEU A 96 -2.24 -7.37 -22.38
C LEU A 96 -0.78 -7.67 -22.68
N LYS A 97 -0.30 -7.09 -23.77
CA LYS A 97 1.11 -7.13 -24.14
C LYS A 97 2.04 -6.65 -23.00
N MET A 98 1.71 -5.53 -22.38
CA MET A 98 2.56 -5.06 -21.30
C MET A 98 2.43 -5.93 -20.05
N PHE A 99 1.22 -6.41 -19.80
CA PHE A 99 0.94 -7.23 -18.64
C PHE A 99 1.69 -8.56 -18.77
N LEU A 100 1.59 -9.19 -19.95
CA LEU A 100 2.29 -10.44 -20.17
C LEU A 100 3.81 -10.22 -20.12
N TYR A 101 4.30 -9.11 -20.68
CA TYR A 101 5.70 -8.78 -20.50
C TYR A 101 6.08 -8.74 -19.03
N ALA A 102 5.41 -7.88 -18.26
CA ALA A 102 5.77 -7.69 -16.84
C ALA A 102 5.64 -8.96 -16.02
N ASP A 103 4.62 -9.74 -16.33
CA ASP A 103 4.35 -11.01 -15.67
C ASP A 103 5.46 -12.02 -15.91
N ASN A 104 6.00 -12.03 -17.13
CA ASN A 104 7.08 -12.93 -17.48
C ASN A 104 8.33 -12.57 -16.68
N GLU A 105 8.58 -11.26 -16.56
CA GLU A 105 9.71 -10.78 -15.77
C GLU A 105 9.54 -11.21 -14.32
N ASP A 106 8.31 -11.03 -13.83
CA ASP A 106 7.97 -11.33 -12.45
C ASP A 106 8.23 -12.81 -12.15
N ARG A 107 7.74 -13.70 -13.02
CA ARG A 107 7.95 -15.12 -12.82
C ARG A 107 9.43 -15.52 -12.88
N ALA A 108 10.26 -14.72 -13.54
CA ALA A 108 11.68 -15.03 -13.65
C ALA A 108 12.49 -14.43 -12.50
N GLY A 109 11.83 -13.64 -11.66
CA GLY A 109 12.52 -12.99 -10.55
C GLY A 109 13.31 -11.77 -10.97
N ARG A 110 13.07 -11.32 -12.19
CA ARG A 110 13.70 -10.10 -12.67
C ARG A 110 12.85 -8.89 -12.29
N PHE A 111 13.34 -8.11 -11.32
CA PHE A 111 12.58 -6.97 -10.83
C PHE A 111 13.29 -5.65 -11.15
N HIS A 112 12.60 -4.77 -11.86
CA HIS A 112 13.21 -3.56 -12.39
C HIS A 112 12.19 -2.53 -12.89
N LYS A 113 12.66 -1.33 -13.19
CA LYS A 113 11.78 -0.22 -13.54
C LYS A 113 10.87 -0.53 -14.72
N ASN A 114 11.38 -1.25 -15.72
CA ASN A 114 10.56 -1.53 -16.91
C ASN A 114 9.38 -2.43 -16.61
N MET A 115 9.60 -3.44 -15.79
CA MET A 115 8.54 -4.39 -15.50
C MET A 115 7.52 -3.71 -14.56
N ILE A 116 7.99 -2.75 -13.76
CA ILE A 116 7.12 -2.07 -12.80
C ILE A 116 6.21 -1.14 -13.56
N LYS A 117 6.82 -0.39 -14.47
CA LYS A 117 6.10 0.57 -15.28
C LYS A 117 5.11 -0.12 -16.23
N SER A 118 5.50 -1.28 -16.76
CA SER A 118 4.63 -2.06 -17.63
C SER A 118 3.40 -2.60 -16.89
N PHE A 119 3.61 -3.15 -15.68
CA PHE A 119 2.47 -3.44 -14.81
C PHE A 119 1.58 -2.23 -14.59
N TYR A 120 2.14 -1.10 -14.22
CA TYR A 120 1.30 0.03 -13.83
C TYR A 120 0.59 0.65 -15.06
N THR A 121 1.30 0.73 -16.18
CA THR A 121 0.69 1.22 -17.41
C THR A 121 -0.43 0.32 -17.89
N ALA A 122 -0.23 -0.99 -17.79
CA ALA A 122 -1.28 -1.92 -18.13
C ALA A 122 -2.54 -1.60 -17.32
N SER A 123 -2.38 -1.30 -16.04
CA SER A 123 -3.55 -0.99 -15.19
C SER A 123 -4.16 0.36 -15.58
N LEU A 124 -3.30 1.31 -15.95
CA LEU A 124 -3.78 2.60 -16.44
C LEU A 124 -4.59 2.46 -17.73
N LEU A 125 -4.13 1.59 -18.63
CA LEU A 125 -4.85 1.30 -19.87
C LEU A 125 -6.20 0.63 -19.64
N ILE A 126 -6.30 -0.25 -18.63
CA ILE A 126 -7.60 -0.83 -18.29
C ILE A 126 -8.57 0.23 -17.76
N ASP A 127 -8.10 1.18 -16.95
CA ASP A 127 -8.89 2.36 -16.58
C ASP A 127 -9.47 3.03 -17.83
N VAL A 128 -8.58 3.31 -18.78
CA VAL A 128 -8.93 4.03 -20.00
C VAL A 128 -10.01 3.29 -20.80
N ILE A 129 -9.96 1.96 -20.74
CA ILE A 129 -10.90 1.09 -21.45
C ILE A 129 -12.36 1.24 -20.98
N THR A 130 -12.57 1.85 -19.81
CA THR A 130 -13.91 2.19 -19.40
C THR A 130 -14.62 3.17 -20.37
N VAL A 131 -13.87 3.89 -21.21
CA VAL A 131 -14.55 4.80 -22.14
C VAL A 131 -15.30 4.00 -23.21
N PHE A 132 -15.01 2.71 -23.31
CA PHE A 132 -15.69 1.88 -24.30
C PHE A 132 -16.87 1.15 -23.70
N GLY A 133 -16.96 1.16 -22.38
CA GLY A 133 -18.05 0.53 -21.67
C GLY A 133 -17.57 -0.01 -20.34
N GLU A 134 -18.42 -0.74 -19.67
CA GLU A 134 -18.07 -1.28 -18.37
C GLU A 134 -16.94 -2.30 -18.44
N LEU A 135 -16.11 -2.33 -17.39
CA LEU A 135 -15.04 -3.31 -17.33
C LEU A 135 -15.60 -4.72 -17.17
N THR A 136 -14.88 -5.69 -17.71
CA THR A 136 -15.23 -7.09 -17.50
C THR A 136 -14.64 -7.53 -16.15
N ASP A 137 -15.04 -8.69 -15.67
CA ASP A 137 -14.48 -9.19 -14.43
C ASP A 137 -12.97 -9.44 -14.60
N GLU A 138 -12.58 -9.92 -15.77
CA GLU A 138 -11.18 -10.12 -16.10
C GLU A 138 -10.38 -8.81 -16.16
N ASN A 139 -10.95 -7.76 -16.78
CA ASN A 139 -10.32 -6.44 -16.74
C ASN A 139 -10.03 -6.06 -15.27
N VAL A 140 -11.06 -6.14 -14.44
CA VAL A 140 -10.99 -5.75 -13.03
C VAL A 140 -9.88 -6.51 -12.29
N LYS A 141 -9.79 -7.82 -12.50
CA LYS A 141 -8.75 -8.62 -11.84
C LYS A 141 -7.33 -8.31 -12.32
N HIS A 142 -7.16 -8.14 -13.64
CA HIS A 142 -5.85 -7.78 -14.19
C HIS A 142 -5.42 -6.39 -13.72
N ARG A 143 -6.35 -5.46 -13.68
CA ARG A 143 -6.05 -4.13 -13.18
C ARG A 143 -5.56 -4.16 -11.71
N LYS A 144 -6.31 -4.82 -10.84
CA LYS A 144 -5.93 -4.92 -9.42
C LYS A 144 -4.59 -5.63 -9.24
N TYR A 145 -4.43 -6.75 -9.95
CA TYR A 145 -3.22 -7.52 -9.91
C TYR A 145 -2.01 -6.67 -10.29
N ALA A 146 -2.15 -5.96 -11.41
CA ALA A 146 -1.07 -5.17 -11.97
C ALA A 146 -0.72 -3.97 -11.07
N ARG A 147 -1.72 -3.28 -10.57
CA ARG A 147 -1.48 -2.19 -9.62
C ARG A 147 -0.75 -2.70 -8.37
N TRP A 148 -1.17 -3.86 -7.88
CA TRP A 148 -0.53 -4.43 -6.70
C TRP A 148 0.94 -4.73 -6.96
N LYS A 149 1.25 -5.51 -7.99
CA LYS A 149 2.65 -5.88 -8.26
C LYS A 149 3.50 -4.64 -8.43
N ALA A 150 2.99 -3.67 -9.18
CA ALA A 150 3.75 -2.45 -9.44
C ALA A 150 4.09 -1.68 -8.17
N THR A 151 3.09 -1.35 -7.36
CA THR A 151 3.40 -0.54 -6.19
C THR A 151 4.20 -1.38 -5.18
N TYR A 152 3.88 -2.67 -5.06
CA TYR A 152 4.57 -3.53 -4.11
C TYR A 152 6.04 -3.74 -4.48
N ILE A 153 6.30 -4.09 -5.74
CA ILE A 153 7.67 -4.35 -6.19
C ILE A 153 8.46 -3.05 -6.10
N HIS A 154 7.85 -1.97 -6.56
CA HIS A 154 8.46 -0.64 -6.45
C HIS A 154 8.86 -0.31 -5.02
N ASN A 155 7.92 -0.47 -4.07
CA ASN A 155 8.22 -0.10 -2.68
C ASN A 155 9.26 -1.00 -2.05
N CYS A 156 9.27 -2.27 -2.42
CA CYS A 156 10.34 -3.15 -1.98
C CYS A 156 11.69 -2.60 -2.45
N LEU A 157 11.86 -2.43 -3.76
CA LEU A 157 13.13 -1.99 -4.30
C LEU A 157 13.54 -0.62 -3.74
N LYS A 158 12.55 0.24 -3.52
CA LYS A 158 12.80 1.56 -2.95
C LYS A 158 13.47 1.44 -1.58
N ASN A 159 13.08 0.40 -0.83
CA ASN A 159 13.57 0.21 0.52
C ASN A 159 14.58 -0.92 0.62
N GLY A 160 15.22 -1.21 -0.51
CA GLY A 160 16.28 -2.19 -0.57
C GLY A 160 15.88 -3.60 -0.20
N GLU A 161 14.57 -3.88 -0.19
CA GLU A 161 14.09 -5.24 0.05
C GLU A 161 13.77 -5.99 -1.24
N THR A 162 13.86 -7.32 -1.19
CA THR A 162 13.45 -8.16 -2.30
C THR A 162 11.95 -8.43 -2.20
N PRO A 163 11.24 -8.37 -3.34
CA PRO A 163 9.81 -8.66 -3.31
C PRO A 163 9.51 -10.13 -3.05
N MET B 2 0.72 -5.59 37.92
CA MET B 2 1.16 -4.59 36.96
C MET B 2 0.36 -3.28 37.07
N ALA B 3 -0.92 -3.39 37.40
CA ALA B 3 -1.61 -2.24 37.95
C ALA B 3 -0.87 -1.88 39.22
N ALA B 4 -0.85 -0.58 39.55
CA ALA B 4 -0.07 0.02 40.63
C ALA B 4 1.41 0.19 40.25
N LEU B 5 1.75 -0.04 38.98
CA LEU B 5 3.15 -0.03 38.60
C LEU B 5 3.53 1.24 37.86
N ALA B 6 2.65 2.23 37.90
CA ALA B 6 2.96 3.57 37.39
C ALA B 6 3.20 3.61 35.89
N PRO B 7 2.60 4.60 35.22
CA PRO B 7 2.75 4.69 33.76
C PRO B 7 4.21 4.78 33.32
N LEU B 8 4.49 4.27 32.13
CA LEU B 8 5.77 4.51 31.49
C LEU B 8 5.88 6.02 31.24
N PRO B 9 7.09 6.57 31.33
CA PRO B 9 7.29 7.95 30.89
C PRO B 9 7.03 8.10 29.40
N PRO B 10 6.90 9.35 28.90
CA PRO B 10 6.72 9.57 27.46
C PRO B 10 7.75 8.80 26.65
N LEU B 11 7.35 8.34 25.47
CA LEU B 11 8.23 7.52 24.65
C LEU B 11 9.33 8.41 24.07
N PRO B 12 10.60 8.06 24.34
CA PRO B 12 11.73 8.77 23.74
C PRO B 12 11.66 8.83 22.21
N ALA B 13 12.10 9.94 21.64
CA ALA B 13 12.19 10.12 20.19
C ALA B 13 12.96 8.98 19.53
N GLN B 14 13.97 8.49 20.23
CA GLN B 14 14.83 7.42 19.74
C GLN B 14 14.05 6.11 19.52
N PHE B 15 12.95 5.95 20.25
CA PHE B 15 12.22 4.68 20.24
C PHE B 15 10.96 4.78 19.41
N LYS B 16 10.94 5.73 18.49
CA LYS B 16 9.80 5.93 17.59
C LYS B 16 9.39 4.65 16.85
N SER B 17 10.36 3.85 16.44
CA SER B 17 10.09 2.66 15.65
C SER B 17 9.36 1.53 16.42
N ILE B 18 9.34 1.58 17.75
CA ILE B 18 8.59 0.57 18.52
C ILE B 18 7.31 1.11 19.13
N GLN B 19 6.95 2.33 18.74
CA GLN B 19 5.75 2.97 19.27
C GLN B 19 4.49 2.12 19.07
N HIS B 20 4.34 1.55 17.88
CA HIS B 20 3.07 0.87 17.57
C HIS B 20 3.01 -0.52 18.19
N HIS B 21 4.17 -1.14 18.40
CA HIS B 21 4.20 -2.41 19.12
C HIS B 21 3.78 -2.17 20.59
N LEU B 22 4.26 -1.09 21.20
CA LEU B 22 3.79 -0.73 22.56
C LEU B 22 2.31 -0.40 22.61
N ARG B 23 1.82 0.32 21.60
CA ARG B 23 0.38 0.58 21.54
C ARG B 23 -0.38 -0.74 21.41
N THR B 24 0.15 -1.64 20.57
CA THR B 24 -0.50 -2.95 20.39
C THR B 24 -0.54 -3.70 21.73
N ALA B 25 0.52 -3.58 22.52
CA ALA B 25 0.52 -4.19 23.84
C ALA B 25 -0.59 -3.60 24.72
N GLN B 26 -0.70 -2.28 24.72
CA GLN B 26 -1.69 -1.63 25.57
C GLN B 26 -3.11 -2.03 25.17
N GLU B 27 -3.36 -2.13 23.87
CA GLU B 27 -4.70 -2.51 23.39
C GLU B 27 -5.05 -3.95 23.77
N HIS B 28 -4.04 -4.79 24.00
CA HIS B 28 -4.30 -6.19 24.35
C HIS B 28 -4.15 -6.53 25.81
N ASP B 29 -3.77 -5.54 26.64
CA ASP B 29 -3.57 -5.82 28.07
C ASP B 29 -4.77 -6.50 28.72
N LYS B 30 -5.96 -6.13 28.30
CA LYS B 30 -7.17 -6.61 28.94
C LYS B 30 -7.58 -7.97 28.41
N ARG B 31 -7.67 -8.09 27.09
CA ARG B 31 -8.23 -9.30 26.48
C ARG B 31 -7.20 -10.38 26.11
N ASP B 32 -5.93 -10.00 25.94
CA ASP B 32 -4.91 -11.01 25.65
C ASP B 32 -3.52 -10.59 26.15
N PRO B 33 -3.30 -10.72 27.47
CA PRO B 33 -2.06 -10.44 28.20
C PRO B 33 -0.83 -11.14 27.61
N VAL B 34 -1.02 -12.31 27.00
CA VAL B 34 0.07 -13.01 26.35
C VAL B 34 0.60 -12.19 25.18
N VAL B 35 -0.31 -11.67 24.34
CA VAL B 35 0.12 -10.80 23.24
C VAL B 35 0.73 -9.51 23.81
N ALA B 36 0.07 -8.96 24.82
CA ALA B 36 0.57 -7.77 25.52
C ALA B 36 2.00 -7.97 26.04
N TYR B 37 2.23 -9.13 26.66
CA TYR B 37 3.52 -9.43 27.22
C TYR B 37 4.59 -9.49 26.15
N TYR B 38 4.35 -10.25 25.08
CA TYR B 38 5.42 -10.39 24.08
C TYR B 38 5.61 -9.14 23.23
N CYS B 39 4.54 -8.37 22.98
CA CYS B 39 4.72 -7.05 22.37
C CYS B 39 5.71 -6.20 23.19
N ARG B 40 5.52 -6.14 24.50
CA ARG B 40 6.45 -5.40 25.35
C ARG B 40 7.87 -5.98 25.34
N LEU B 41 7.96 -7.31 25.29
CA LEU B 41 9.26 -7.95 25.26
C LEU B 41 9.97 -7.51 24.00
N TYR B 42 9.25 -7.54 22.87
CA TYR B 42 9.84 -7.09 21.62
C TYR B 42 10.33 -5.65 21.71
N ALA B 43 9.50 -4.77 22.25
CA ALA B 43 9.87 -3.37 22.42
C ALA B 43 11.12 -3.20 23.29
N MET B 44 11.16 -3.93 24.41
CA MET B 44 12.29 -3.89 25.33
C MET B 44 13.57 -4.28 24.62
N GLN B 45 13.51 -5.45 24.04
CA GLN B 45 14.61 -6.07 23.34
C GLN B 45 15.06 -5.21 22.15
N THR B 46 14.11 -4.63 21.42
CA THR B 46 14.46 -3.73 20.33
C THR B 46 15.03 -2.40 20.84
N GLY B 47 14.47 -1.88 21.91
CA GLY B 47 14.94 -0.64 22.49
C GLY B 47 16.36 -0.74 23.04
N MET B 48 16.68 -1.87 23.68
CA MET B 48 18.03 -2.13 24.17
C MET B 48 19.08 -2.00 23.06
N LYS B 49 18.73 -2.46 21.86
CA LYS B 49 19.63 -2.37 20.71
C LYS B 49 19.73 -0.95 20.17
N ILE B 50 18.62 -0.22 20.13
CA ILE B 50 18.62 1.13 19.62
C ILE B 50 19.50 2.05 20.46
N ASP B 51 19.21 2.11 21.75
CA ASP B 51 19.89 3.04 22.65
C ASP B 51 19.60 2.69 24.10
N SER B 52 20.64 2.27 24.81
CA SER B 52 20.53 1.95 26.23
C SER B 52 21.51 2.76 27.06
N LYS B 53 21.94 3.89 26.52
CA LYS B 53 22.92 4.76 27.17
C LYS B 53 22.31 6.12 27.52
N THR B 54 21.68 6.78 26.54
CA THR B 54 20.94 8.00 26.82
C THR B 54 20.05 7.82 28.04
N PRO B 55 20.21 8.72 29.03
CA PRO B 55 19.48 8.67 30.30
C PRO B 55 17.96 8.58 30.16
N GLU B 56 17.36 9.40 29.30
CA GLU B 56 15.93 9.31 29.05
C GLU B 56 15.55 7.89 28.59
N CYS B 57 16.37 7.32 27.71
CA CYS B 57 16.11 5.99 27.18
C CYS B 57 16.26 4.90 28.23
N ARG B 58 17.35 4.95 29.00
CA ARG B 58 17.60 3.95 30.05
C ARG B 58 16.47 3.94 31.03
N LYS B 59 16.03 5.13 31.40
CA LYS B 59 14.95 5.31 32.36
C LYS B 59 13.68 4.68 31.80
N PHE B 60 13.44 4.89 30.51
CA PHE B 60 12.25 4.34 29.88
C PHE B 60 12.31 2.81 29.89
N LEU B 61 13.43 2.26 29.45
CA LEU B 61 13.62 0.80 29.39
C LEU B 61 13.49 0.15 30.76
N SER B 62 14.02 0.82 31.77
CA SER B 62 13.93 0.37 33.15
C SER B 62 12.47 0.20 33.58
N LYS B 63 11.65 1.22 33.29
CA LYS B 63 10.23 1.14 33.65
C LYS B 63 9.51 0.07 32.81
N LEU B 64 9.92 -0.09 31.55
CA LEU B 64 9.36 -1.13 30.70
C LEU B 64 9.72 -2.48 31.32
N MET B 65 10.96 -2.58 31.79
CA MET B 65 11.40 -3.83 32.38
C MET B 65 10.59 -4.10 33.64
N ASP B 66 10.27 -3.05 34.41
CA ASP B 66 9.38 -3.21 35.56
C ASP B 66 8.03 -3.82 35.18
N GLN B 67 7.47 -3.39 34.05
CA GLN B 67 6.21 -3.95 33.56
C GLN B 67 6.35 -5.42 33.14
N LEU B 68 7.40 -5.73 32.39
CA LEU B 68 7.67 -7.11 31.97
C LEU B 68 7.80 -8.07 33.14
N GLU B 69 8.62 -7.70 34.13
CA GLU B 69 8.79 -8.53 35.32
C GLU B 69 7.48 -8.77 36.09
N ALA B 70 6.68 -7.72 36.24
CA ALA B 70 5.40 -7.88 36.91
C ALA B 70 4.42 -8.66 36.05
N LEU B 71 4.50 -8.47 34.73
CA LEU B 71 3.52 -9.10 33.88
C LEU B 71 3.84 -10.60 33.82
N LYS B 72 5.14 -10.93 33.82
CA LYS B 72 5.57 -12.33 33.78
C LYS B 72 5.16 -13.11 35.04
N LYS B 73 5.37 -12.52 36.21
CA LYS B 73 4.98 -13.19 37.45
C LYS B 73 3.47 -13.41 37.47
N GLN B 74 2.73 -12.34 37.22
CA GLN B 74 1.29 -12.41 37.00
C GLN B 74 0.82 -13.46 35.97
N LEU B 75 1.61 -13.68 34.93
CA LEU B 75 1.27 -14.72 33.97
C LEU B 75 2.08 -16.01 34.24
N GLY B 76 2.55 -16.17 35.47
CA GLY B 76 3.48 -17.22 35.83
C GLY B 76 3.08 -18.66 35.52
N ASP B 77 1.81 -18.97 35.65
CA ASP B 77 1.37 -20.33 35.35
C ASP B 77 0.65 -20.40 34.01
N ASN B 78 0.95 -19.45 33.12
CA ASN B 78 0.42 -19.48 31.77
C ASN B 78 1.43 -20.16 30.86
N GLU B 79 1.01 -21.25 30.28
CA GLU B 79 1.91 -22.09 29.53
C GLU B 79 2.50 -21.34 28.34
N ALA B 80 1.78 -20.33 27.82
CA ALA B 80 2.31 -19.51 26.71
C ALA B 80 3.47 -18.62 27.19
N ILE B 81 3.60 -18.46 28.50
CA ILE B 81 4.72 -17.70 29.03
C ILE B 81 5.86 -18.62 29.48
N THR B 82 5.52 -19.77 30.08
CA THR B 82 6.57 -20.72 30.52
C THR B 82 7.17 -21.52 29.36
N GLN B 83 6.46 -21.63 28.24
CA GLN B 83 6.96 -22.41 27.10
C GLN B 83 6.97 -21.56 25.83
N GLU B 84 8.15 -21.25 25.31
CA GLU B 84 8.24 -20.41 24.12
C GLU B 84 7.58 -21.03 22.90
N ILE B 85 7.50 -22.35 22.85
CA ILE B 85 6.89 -22.99 21.71
C ILE B 85 5.37 -22.74 21.75
N VAL B 86 4.82 -22.60 22.95
CA VAL B 86 3.39 -22.33 23.11
C VAL B 86 3.10 -20.83 22.85
N GLY B 87 4.01 -19.96 23.32
CA GLY B 87 3.85 -18.54 23.12
C GLY B 87 3.97 -18.14 21.66
N CYS B 88 4.95 -18.74 20.98
CA CYS B 88 5.10 -18.52 19.55
C CYS B 88 3.85 -18.99 18.79
N ALA B 89 3.34 -20.17 19.14
CA ALA B 89 2.11 -20.66 18.51
C ALA B 89 0.95 -19.69 18.72
N HIS B 90 0.86 -19.12 19.93
CA HIS B 90 -0.22 -18.20 20.28
C HIS B 90 -0.18 -16.96 19.39
N LEU B 91 1.00 -16.40 19.23
CA LEU B 91 1.18 -15.19 18.44
C LEU B 91 0.95 -15.44 16.96
N GLU B 92 1.59 -16.48 16.41
CA GLU B 92 1.42 -16.85 15.00
C GLU B 92 -0.02 -17.12 14.62
N ASN B 93 -0.69 -17.95 15.40
CA ASN B 93 -2.09 -18.24 15.17
C ASN B 93 -2.94 -16.98 15.14
N TYR B 94 -2.61 -16.04 16.00
CA TYR B 94 -3.36 -14.81 16.10
C TYR B 94 -3.05 -13.87 14.92
N ALA B 95 -1.77 -13.74 14.57
CA ALA B 95 -1.38 -13.01 13.36
C ALA B 95 -2.04 -13.62 12.11
N LEU B 96 -2.04 -14.96 12.03
CA LEU B 96 -2.63 -15.65 10.90
C LEU B 96 -4.14 -15.35 10.77
N LYS B 97 -4.87 -15.50 11.86
CA LYS B 97 -6.29 -15.16 11.87
C LYS B 97 -6.56 -13.76 11.31
N MET B 98 -5.85 -12.74 11.78
CA MET B 98 -6.25 -11.42 11.35
C MET B 98 -5.72 -11.15 9.96
N PHE B 99 -4.60 -11.78 9.62
CA PHE B 99 -4.10 -11.75 8.24
C PHE B 99 -5.15 -12.31 7.29
N LEU B 100 -5.72 -13.46 7.65
CA LEU B 100 -6.68 -14.11 6.76
C LEU B 100 -7.98 -13.36 6.73
N TYR B 101 -8.33 -12.72 7.85
CA TYR B 101 -9.47 -11.82 7.86
C TYR B 101 -9.28 -10.69 6.87
N ALA B 102 -8.10 -10.05 6.91
CA ALA B 102 -7.90 -8.85 6.09
C ALA B 102 -7.83 -9.24 4.62
N ASP B 103 -7.16 -10.36 4.35
CA ASP B 103 -7.10 -10.94 3.00
C ASP B 103 -8.47 -11.29 2.46
N ASN B 104 -9.35 -11.84 3.28
CA ASN B 104 -10.70 -12.16 2.84
C ASN B 104 -11.48 -10.91 2.40
N GLU B 105 -11.41 -9.84 3.20
CA GLU B 105 -11.99 -8.55 2.85
C GLU B 105 -11.47 -8.07 1.50
N ASP B 106 -10.14 -8.09 1.36
CA ASP B 106 -9.46 -7.65 0.16
C ASP B 106 -9.96 -8.41 -1.06
N ARG B 107 -10.03 -9.74 -0.95
CA ARG B 107 -10.49 -10.55 -2.07
C ARG B 107 -11.95 -10.27 -2.40
N ALA B 108 -12.73 -9.81 -1.42
CA ALA B 108 -14.13 -9.49 -1.68
C ALA B 108 -14.33 -8.05 -2.15
N GLY B 109 -13.25 -7.28 -2.27
CA GLY B 109 -13.36 -5.89 -2.67
C GLY B 109 -13.91 -4.96 -1.61
N ARG B 110 -13.83 -5.38 -0.34
CA ARG B 110 -14.29 -4.52 0.75
C ARG B 110 -13.10 -3.83 1.39
N PHE B 111 -12.95 -2.54 1.15
CA PHE B 111 -11.79 -1.82 1.65
C PHE B 111 -12.23 -0.84 2.71
N HIS B 112 -11.60 -0.92 3.89
CA HIS B 112 -12.06 -0.15 5.04
C HIS B 112 -10.99 -0.17 6.15
N LYS B 113 -11.11 0.74 7.10
CA LYS B 113 -10.09 0.91 8.14
C LYS B 113 -9.83 -0.35 8.95
N ASN B 114 -10.84 -1.17 9.12
CA ASN B 114 -10.73 -2.34 9.96
C ASN B 114 -9.82 -3.38 9.32
N MET B 115 -9.97 -3.61 8.02
CA MET B 115 -9.16 -4.61 7.35
C MET B 115 -7.76 -3.97 7.18
N ILE B 116 -7.67 -2.64 7.06
CA ILE B 116 -6.37 -1.99 6.97
C ILE B 116 -5.58 -2.22 8.27
N LYS B 117 -6.27 -2.06 9.39
CA LYS B 117 -5.68 -2.22 10.71
C LYS B 117 -5.24 -3.68 10.95
N SER B 118 -6.07 -4.63 10.51
CA SER B 118 -5.74 -6.04 10.61
C SER B 118 -4.49 -6.41 9.78
N PHE B 119 -4.38 -5.91 8.55
CA PHE B 119 -3.11 -6.12 7.83
C PHE B 119 -1.94 -5.53 8.61
N TYR B 120 -2.09 -4.32 9.12
CA TYR B 120 -0.95 -3.62 9.72
C TYR B 120 -0.56 -4.27 11.07
N THR B 121 -1.55 -4.68 11.87
CA THR B 121 -1.31 -5.30 13.16
C THR B 121 -0.69 -6.69 12.98
N ALA B 122 -1.16 -7.43 11.97
CA ALA B 122 -0.53 -8.69 11.60
C ALA B 122 0.96 -8.50 11.34
N SER B 123 1.32 -7.44 10.61
CA SER B 123 2.73 -7.21 10.30
C SER B 123 3.50 -6.83 11.57
N LEU B 124 2.86 -6.11 12.49
CA LEU B 124 3.52 -5.77 13.77
C LEU B 124 3.75 -7.01 14.63
N LEU B 125 2.76 -7.90 14.69
CA LEU B 125 2.86 -9.18 15.40
C LEU B 125 4.00 -10.02 14.87
N ILE B 126 4.22 -9.96 13.57
CA ILE B 126 5.35 -10.69 12.97
C ILE B 126 6.70 -10.09 13.40
N ASP B 127 6.77 -8.76 13.54
CA ASP B 127 7.93 -8.15 14.20
C ASP B 127 8.15 -8.79 15.57
N VAL B 128 7.07 -8.87 16.34
CA VAL B 128 7.13 -9.35 17.71
C VAL B 128 7.61 -10.81 17.81
N ILE B 129 7.24 -11.60 16.82
CA ILE B 129 7.55 -13.02 16.79
C ILE B 129 9.06 -13.26 16.66
N THR B 130 9.81 -12.22 16.32
CA THR B 130 11.27 -12.33 16.30
C THR B 130 11.88 -12.58 17.69
N VAL B 131 11.13 -12.32 18.75
CA VAL B 131 11.64 -12.62 20.10
C VAL B 131 11.84 -14.13 20.28
N PHE B 132 11.22 -14.94 19.42
CA PHE B 132 11.29 -16.40 19.57
C PHE B 132 12.38 -17.02 18.71
N GLY B 133 13.04 -16.20 17.89
CA GLY B 133 14.08 -16.67 17.01
C GLY B 133 13.98 -16.06 15.61
N GLU B 134 14.79 -16.59 14.70
CA GLU B 134 14.84 -16.09 13.34
C GLU B 134 13.51 -16.34 12.65
N LEU B 135 13.01 -15.33 11.93
CA LEU B 135 11.75 -15.50 11.20
C LEU B 135 11.89 -16.49 10.05
N THR B 136 10.84 -17.27 9.83
CA THR B 136 10.70 -18.08 8.61
C THR B 136 10.55 -17.18 7.39
N ASP B 137 10.91 -17.70 6.21
CA ASP B 137 10.73 -16.96 4.96
C ASP B 137 9.24 -16.60 4.80
N GLU B 138 8.38 -17.48 5.30
CA GLU B 138 6.94 -17.28 5.19
C GLU B 138 6.54 -16.09 6.06
N ASN B 139 7.03 -16.04 7.31
CA ASN B 139 6.84 -14.86 8.15
C ASN B 139 7.32 -13.60 7.45
N VAL B 140 8.51 -13.66 6.86
CA VAL B 140 9.11 -12.51 6.19
C VAL B 140 8.22 -12.07 5.04
N LYS B 141 7.73 -13.05 4.29
CA LYS B 141 6.85 -12.80 3.17
C LYS B 141 5.56 -12.12 3.61
N HIS B 142 4.90 -12.66 4.62
CA HIS B 142 3.63 -12.11 5.04
C HIS B 142 3.74 -10.71 5.66
N ARG B 143 4.86 -10.43 6.32
CA ARG B 143 5.04 -9.13 6.93
C ARG B 143 5.15 -8.06 5.86
N LYS B 144 6.01 -8.30 4.88
CA LYS B 144 6.12 -7.39 3.76
C LYS B 144 4.79 -7.20 3.04
N TYR B 145 4.12 -8.30 2.72
CA TYR B 145 2.84 -8.26 2.01
C TYR B 145 1.83 -7.46 2.83
N ALA B 146 1.65 -7.85 4.09
CA ALA B 146 0.59 -7.25 4.91
C ALA B 146 0.88 -5.79 5.19
N ARG B 147 2.14 -5.45 5.43
CA ARG B 147 2.46 -4.06 5.74
C ARG B 147 2.21 -3.18 4.52
N TRP B 148 2.55 -3.68 3.34
CA TRP B 148 2.36 -2.81 2.18
C TRP B 148 0.87 -2.79 1.75
N LYS B 149 0.11 -3.87 1.96
CA LYS B 149 -1.34 -3.79 1.77
C LYS B 149 -1.95 -2.67 2.60
N ALA B 150 -1.58 -2.63 3.89
CA ALA B 150 -2.12 -1.65 4.81
C ALA B 150 -1.84 -0.24 4.29
N THR B 151 -0.58 0.02 3.93
CA THR B 151 -0.18 1.34 3.47
C THR B 151 -0.81 1.68 2.12
N TYR B 152 -0.75 0.75 1.18
CA TYR B 152 -1.28 0.98 -0.14
C TYR B 152 -2.80 1.22 -0.13
N ILE B 153 -3.55 0.34 0.54
CA ILE B 153 -5.01 0.48 0.60
C ILE B 153 -5.41 1.78 1.33
N HIS B 154 -4.72 2.06 2.44
CA HIS B 154 -4.90 3.34 3.15
C HIS B 154 -4.75 4.53 2.21
N ASN B 155 -3.66 4.56 1.46
CA ASN B 155 -3.38 5.67 0.56
C ASN B 155 -4.43 5.79 -0.54
N CYS B 156 -4.93 4.65 -1.03
CA CYS B 156 -5.99 4.68 -2.06
C CYS B 156 -7.27 5.29 -1.53
N LEU B 157 -7.70 4.84 -0.35
CA LEU B 157 -8.91 5.36 0.25
C LEU B 157 -8.76 6.86 0.51
N LYS B 158 -7.60 7.22 1.04
CA LYS B 158 -7.27 8.62 1.32
C LYS B 158 -7.46 9.51 0.09
N ASN B 159 -7.00 9.03 -1.06
CA ASN B 159 -7.01 9.82 -2.30
C ASN B 159 -8.13 9.46 -3.27
N GLY B 160 -9.10 8.69 -2.81
CA GLY B 160 -10.24 8.38 -3.65
C GLY B 160 -9.96 7.44 -4.83
N GLU B 161 -8.88 6.68 -4.74
CA GLU B 161 -8.55 5.69 -5.76
C GLU B 161 -9.00 4.27 -5.39
N THR B 162 -9.36 3.46 -6.39
CA THR B 162 -9.62 2.04 -6.19
C THR B 162 -8.30 1.27 -6.11
N PRO B 163 -8.10 0.48 -5.04
CA PRO B 163 -6.86 -0.30 -4.95
C PRO B 163 -6.66 -1.22 -6.18
N ASP C 12 -21.24 22.30 -19.90
CA ASP C 12 -22.27 22.07 -20.93
C ASP C 12 -21.78 22.48 -22.32
N GLU C 13 -21.02 23.56 -22.40
CA GLU C 13 -20.27 23.84 -23.62
C GLU C 13 -19.28 22.67 -23.79
N LEU C 14 -18.71 22.24 -22.68
CA LEU C 14 -17.83 21.08 -22.64
C LEU C 14 -18.56 19.81 -23.04
N SER C 15 -19.73 19.59 -22.45
CA SER C 15 -20.51 18.38 -22.73
C SER C 15 -20.80 18.23 -24.22
N GLN C 16 -21.02 19.35 -24.89
CA GLN C 16 -21.36 19.31 -26.31
C GLN C 16 -20.12 19.07 -27.18
N ARG C 17 -19.00 19.67 -26.81
CA ARG C 17 -17.76 19.41 -27.52
C ARG C 17 -17.41 17.92 -27.42
N LEU C 18 -17.65 17.32 -26.26
CA LEU C 18 -17.41 15.89 -26.06
C LEU C 18 -18.27 15.04 -26.98
N ALA C 19 -19.58 15.32 -26.99
CA ALA C 19 -20.50 14.59 -27.86
C ALA C 19 -20.10 14.74 -29.32
N ARG C 20 -19.65 15.93 -29.70
CA ARG C 20 -19.20 16.17 -31.08
C ARG C 20 -17.86 15.47 -31.32
N LEU C 21 -17.03 15.45 -30.29
CA LEU C 21 -15.74 14.77 -30.37
C LEU C 21 -15.96 13.30 -30.67
N ARG C 22 -16.89 12.68 -29.95
CA ARG C 22 -17.10 11.25 -30.09
C ARG C 22 -18.16 10.94 -31.14
N ASP C 23 -18.27 11.81 -32.14
CA ASP C 23 -19.02 11.57 -33.37
C ASP C 23 -20.40 10.94 -33.10
N GLN C 24 -21.24 11.69 -32.40
CA GLN C 24 -22.58 11.24 -32.10
C GLN C 24 -23.56 12.42 -32.10
N ALA D 9 27.63 1.73 34.20
CA ALA D 9 26.72 0.99 33.32
C ALA D 9 25.51 0.43 34.08
N GLU D 10 24.42 1.19 34.07
CA GLU D 10 23.12 0.69 34.51
C GLU D 10 22.50 -0.08 33.35
N GLN D 11 23.19 0.03 32.21
CA GLN D 11 22.90 -0.73 31.01
C GLN D 11 23.01 -2.25 31.28
N ASP D 12 24.09 -2.65 31.95
CA ASP D 12 24.34 -4.04 32.29
C ASP D 12 23.25 -4.59 33.20
N GLU D 13 22.80 -3.78 34.14
CA GLU D 13 21.74 -4.15 35.07
C GLU D 13 20.46 -4.42 34.24
N LEU D 14 20.26 -3.64 33.18
CA LEU D 14 19.14 -3.87 32.26
C LEU D 14 19.32 -5.13 31.40
N SER D 15 20.54 -5.34 30.88
CA SER D 15 20.82 -6.55 30.12
C SER D 15 20.60 -7.78 30.97
N GLN D 16 21.04 -7.71 32.21
CA GLN D 16 20.95 -8.83 33.13
C GLN D 16 19.51 -9.16 33.49
N ARG D 17 18.67 -8.13 33.67
CA ARG D 17 17.26 -8.37 33.98
C ARG D 17 16.53 -8.96 32.76
N LEU D 18 16.90 -8.53 31.56
CA LEU D 18 16.30 -9.06 30.34
C LEU D 18 16.67 -10.53 30.16
N ALA D 19 17.94 -10.86 30.34
CA ALA D 19 18.41 -12.24 30.20
C ALA D 19 17.67 -13.13 31.18
N ARG D 20 17.57 -12.67 32.43
CA ARG D 20 16.85 -13.40 33.45
C ARG D 20 15.41 -13.63 33.02
N LEU D 21 14.81 -12.57 32.48
CA LEU D 21 13.44 -12.61 32.01
C LEU D 21 13.29 -13.70 30.92
N ARG D 22 14.26 -13.77 30.01
CA ARG D 22 14.24 -14.77 28.93
C ARG D 22 14.59 -16.19 29.39
N ASP D 23 15.62 -16.29 30.23
CA ASP D 23 16.25 -17.57 30.53
C ASP D 23 15.49 -18.37 31.59
N GLN D 24 14.94 -17.68 32.59
CA GLN D 24 14.22 -18.37 33.64
C GLN D 24 12.88 -18.85 33.10
N VAL D 25 12.55 -20.10 33.41
CA VAL D 25 11.26 -20.67 33.04
C VAL D 25 10.13 -20.01 33.82
#